data_6BAH
#
_entry.id   6BAH
#
_cell.length_a   53.410
_cell.length_b   105.150
_cell.length_c   116.980
_cell.angle_alpha   90.00
_cell.angle_beta   90.00
_cell.angle_gamma   90.00
#
_symmetry.space_group_name_H-M   'P 21 21 21'
#
loop_
_entity.id
_entity.type
_entity.pdbx_description
1 polymer 'Trastuzumab Fab light chain,Immunoglobulin kappa constant'
2 polymer 'Trastuzumab Fab heavy chain,IGH@ protein'
3 polymer 'Protein L'
4 polymer 'Immunoglobulin G binding protein A'
5 polymer meditope
6 water water
#
loop_
_entity_poly.entity_id
_entity_poly.type
_entity_poly.pdbx_seq_one_letter_code
_entity_poly.pdbx_strand_id
1 'polypeptide(L)'
;DIQMTQSPILLSASVGDRVTITCRASQDVNTAVAWYQQRTNGSPRLLIYSASFLYSGVPSRFSGSRSGTDFTLTISSLQP
EDEADYYCQQHYTTPPTFGAGTKVEIKRTVAAPSVFIFPPSDEQLKSGTASVVCLLNNFYPREAKVQWKVDNALQSGNSQ
ESVTEQDSKDSTYSLSSTLTLSKADYEKHKVYACEVTHQGLSSPVTKSFNRGEC
;
A
2 'polypeptide(L)'
;EVQLVESGGGLVQPGGSLRLSCAASGFNIKDTYIHWVRQSPGKGLEWVARIYPTNGYTRYADSVKGRFTISADTSKNTAY
LQMNSLRAEDTAIYYCSRWGGDGFYAMDYWGQGTLVTVSSASTKGPSVFPLAPSSKSTSGGTAALGCLVKDYFPEPVTVS
WNSGALTSGVHTFPCVLQSSGLYSLSSVVTVPSSSLGTQTYICNVNHKPSNTKVDKKVEPKSC
;
B
3 'polypeptide(L)' GSEVTIKVNLIFADGKIQTAEFKGTFEEATAEAYRYAALLAKVNGEYTADLEDGGNHMNIKFAG E
4 'polypeptide(L)' GSYNKDQQSAFYEILNMPNLNEAQRNGFIQSLKDDPSQSTNVLGEAKKLNESQA C
5 'polypeptide(L)' (ACE)SQFD(2GX)CTRRLQS D
#
# COMPACT_ATOMS: atom_id res chain seq x y z
N ASP A 1 -4.76 -16.22 20.55
CA ASP A 1 -5.03 -14.94 19.90
C ASP A 1 -6.44 -14.92 19.35
N ILE A 2 -6.98 -13.72 19.14
CA ILE A 2 -8.31 -13.57 18.56
C ILE A 2 -8.16 -13.25 17.08
N GLN A 3 -8.91 -13.98 16.26
CA GLN A 3 -8.98 -13.77 14.82
C GLN A 3 -10.14 -12.83 14.49
N MET A 4 -9.89 -11.89 13.58
CA MET A 4 -10.94 -10.99 13.08
C MET A 4 -11.12 -11.28 11.59
N THR A 5 -12.33 -11.71 11.22
CA THR A 5 -12.63 -12.11 9.84
C THR A 5 -13.54 -11.06 9.20
N GLN A 6 -13.04 -10.41 8.15
CA GLN A 6 -13.79 -9.39 7.41
C GLN A 6 -14.35 -9.92 6.10
N SER A 7 -15.52 -9.41 5.74
CA SER A 7 -16.21 -9.77 4.51
CA SER A 7 -16.18 -9.75 4.49
C SER A 7 -17.02 -8.57 4.05
N PRO A 8 -17.22 -8.37 2.73
CA PRO A 8 -16.56 -9.13 1.65
C PRO A 8 -15.10 -8.70 1.54
N ILE A 9 -14.31 -9.32 0.66
CA ILE A 9 -12.96 -8.78 0.46
C ILE A 9 -13.02 -7.56 -0.47
N LEU A 10 -14.01 -7.48 -1.35
CA LEU A 10 -14.16 -6.36 -2.26
C LEU A 10 -15.65 -6.02 -2.37
N LEU A 11 -15.96 -4.73 -2.34
CA LEU A 11 -17.33 -4.28 -2.53
C LEU A 11 -17.31 -3.06 -3.44
N SER A 12 -18.16 -3.07 -4.46
CA SER A 12 -18.19 -2.05 -5.49
C SER A 12 -19.61 -1.51 -5.56
N ALA A 13 -19.76 -0.20 -5.45
CA ALA A 13 -21.10 0.38 -5.36
C ALA A 13 -21.08 1.78 -5.95
N SER A 14 -22.26 2.28 -6.30
CA SER A 14 -22.39 3.59 -6.91
C SER A 14 -22.44 4.68 -5.84
N VAL A 15 -22.02 5.89 -6.25
CA VAL A 15 -22.09 7.05 -5.39
C VAL A 15 -23.51 7.23 -4.90
N GLY A 16 -23.67 7.45 -3.59
CA GLY A 16 -24.98 7.58 -3.00
C GLY A 16 -25.56 6.30 -2.44
N ASP A 17 -25.00 5.13 -2.77
CA ASP A 17 -25.50 3.87 -2.23
C ASP A 17 -25.18 3.74 -0.75
N ARG A 18 -25.95 2.89 -0.08
CA ARG A 18 -25.62 2.42 1.26
C ARG A 18 -24.82 1.13 1.16
N VAL A 19 -23.65 1.11 1.81
CA VAL A 19 -22.78 -0.07 1.76
C VAL A 19 -22.50 -0.56 3.17
N THR A 20 -22.41 -1.88 3.29
CA THR A 20 -22.23 -2.52 4.58
C THR A 20 -21.10 -3.53 4.49
N ILE A 21 -20.16 -3.45 5.43
CA ILE A 21 -19.05 -4.40 5.48
C ILE A 21 -19.01 -4.96 6.90
N THR A 22 -18.46 -6.16 7.04
CA THR A 22 -18.65 -6.92 8.26
C THR A 22 -17.32 -7.42 8.80
N CYS A 23 -17.33 -7.74 10.09
CA CYS A 23 -16.13 -8.19 10.78
C CYS A 23 -16.59 -9.13 11.89
N ARG A 24 -16.00 -10.32 11.95
CA ARG A 24 -16.38 -11.32 12.95
C ARG A 24 -15.17 -11.65 13.82
N ALA A 25 -15.34 -11.59 15.14
CA ALA A 25 -14.30 -11.99 16.08
C ALA A 25 -14.41 -13.48 16.39
N SER A 26 -13.26 -14.14 16.53
CA SER A 26 -13.31 -15.58 16.77
C SER A 26 -13.78 -15.93 18.18
N GLN A 27 -13.88 -14.94 19.06
CA GLN A 27 -14.39 -15.13 20.41
C GLN A 27 -14.80 -13.76 20.92
N ASP A 28 -15.49 -13.75 22.05
CA ASP A 28 -16.02 -12.53 22.62
C ASP A 28 -14.97 -11.43 22.69
N VAL A 29 -15.31 -10.25 22.17
CA VAL A 29 -14.43 -9.08 22.30
C VAL A 29 -15.21 -7.92 22.92
N ASN A 30 -16.38 -8.21 23.51
CA ASN A 30 -17.23 -7.17 24.11
C ASN A 30 -17.50 -6.16 23.00
N THR A 31 -17.35 -4.86 23.24
CA THR A 31 -17.47 -3.83 22.21
C THR A 31 -16.13 -3.28 21.77
N ALA A 32 -15.02 -3.95 22.10
CA ALA A 32 -13.69 -3.36 21.93
C ALA A 32 -13.19 -3.52 20.49
N VAL A 33 -13.92 -2.90 19.56
CA VAL A 33 -13.63 -3.04 18.12
C VAL A 33 -13.64 -1.65 17.51
N ALA A 34 -12.60 -1.35 16.75
CA ALA A 34 -12.48 -0.09 16.03
C ALA A 34 -12.37 -0.36 14.53
N TRP A 35 -12.75 0.64 13.74
CA TRP A 35 -12.73 0.56 12.28
C TRP A 35 -11.81 1.66 11.76
N TYR A 36 -10.93 1.31 10.83
CA TYR A 36 -9.99 2.25 10.25
C TYR A 36 -10.17 2.32 8.75
N GLN A 37 -9.88 3.48 8.19
CA GLN A 37 -9.88 3.70 6.76
C GLN A 37 -8.44 3.93 6.32
N GLN A 38 -8.05 3.36 5.18
CA GLN A 38 -6.74 3.62 4.59
C GLN A 38 -6.95 4.01 3.13
N ARG A 39 -6.74 5.27 2.84
CA ARG A 39 -6.80 5.77 1.47
C ARG A 39 -5.45 5.57 0.81
N THR A 40 -5.46 5.66 -0.53
CA THR A 40 -4.23 5.47 -1.29
C THR A 40 -3.13 6.38 -0.76
N ASN A 41 -1.96 5.78 -0.54
CA ASN A 41 -0.73 6.42 -0.03
C ASN A 41 -0.85 6.90 1.42
N GLY A 42 -1.90 6.54 2.16
CA GLY A 42 -2.12 7.05 3.50
C GLY A 42 -1.88 6.03 4.61
N SER A 43 -1.91 6.54 5.84
CA SER A 43 -1.90 5.77 7.07
C SER A 43 -3.33 5.45 7.51
N PRO A 44 -3.53 4.39 8.29
CA PRO A 44 -4.88 4.10 8.78
C PRO A 44 -5.44 5.27 9.57
N ARG A 45 -6.73 5.55 9.34
CA ARG A 45 -7.41 6.67 9.97
C ARG A 45 -8.60 6.13 10.76
N LEU A 46 -8.70 6.54 12.02
CA LEU A 46 -9.76 6.00 12.89
C LEU A 46 -11.12 6.56 12.47
N LEU A 47 -12.09 5.67 12.25
CA LEU A 47 -13.46 6.05 11.94
C LEU A 47 -14.42 5.83 13.11
N ILE A 48 -14.43 4.61 13.65
CA ILE A 48 -15.37 4.16 14.67
C ILE A 48 -14.57 3.49 15.78
N TYR A 49 -14.93 3.74 17.03
CA TYR A 49 -14.28 3.05 18.15
C TYR A 49 -15.36 2.50 19.08
N SER A 50 -14.98 1.50 19.87
CA SER A 50 -15.92 0.84 20.76
C SER A 50 -17.18 0.41 20.02
N ALA A 51 -16.99 -0.12 18.80
CA ALA A 51 -18.00 -0.76 17.97
C ALA A 51 -18.96 0.21 17.29
N SER A 52 -19.36 1.30 17.95
CA SER A 52 -20.46 2.09 17.41
C SER A 52 -20.31 3.60 17.56
N PHE A 53 -19.17 4.09 18.03
CA PHE A 53 -19.03 5.50 18.36
C PHE A 53 -18.18 6.20 17.31
N LEU A 54 -18.70 7.31 16.81
CA LEU A 54 -18.09 8.03 15.71
C LEU A 54 -16.93 8.87 16.22
N TYR A 55 -15.76 8.68 15.62
CA TYR A 55 -14.61 9.47 16.02
C TYR A 55 -14.79 10.92 15.55
N SER A 56 -14.21 11.86 16.32
CA SER A 56 -14.39 13.27 16.03
CA SER A 56 -14.40 13.27 16.03
C SER A 56 -13.93 13.61 14.62
N GLY A 57 -14.74 14.40 13.91
CA GLY A 57 -14.43 14.82 12.56
C GLY A 57 -14.82 13.84 11.48
N VAL A 58 -15.29 12.65 11.83
CA VAL A 58 -15.66 11.64 10.84
C VAL A 58 -17.09 11.92 10.37
N PRO A 59 -17.37 11.87 9.07
CA PRO A 59 -18.72 12.21 8.60
C PRO A 59 -19.79 11.31 9.19
N SER A 60 -20.97 11.89 9.41
CA SER A 60 -22.09 11.18 10.00
C SER A 60 -22.60 10.02 9.14
N ARG A 61 -22.24 9.93 7.87
CA ARG A 61 -22.68 8.79 7.07
C ARG A 61 -21.98 7.48 7.47
N PHE A 62 -20.91 7.53 8.26
CA PHE A 62 -20.30 6.33 8.82
C PHE A 62 -21.00 5.95 10.13
N SER A 63 -21.28 4.66 10.29
CA SER A 63 -21.86 4.14 11.52
C SER A 63 -21.39 2.71 11.72
N GLY A 64 -21.43 2.25 12.97
CA GLY A 64 -21.01 0.89 13.27
C GLY A 64 -21.99 0.28 14.26
N SER A 65 -22.09 -1.05 14.22
CA SER A 65 -22.92 -1.77 15.17
C SER A 65 -22.28 -3.11 15.53
N ARG A 66 -22.78 -3.69 16.63
CA ARG A 66 -22.31 -4.99 17.13
C ARG A 66 -23.50 -5.89 17.40
N SER A 67 -23.35 -7.17 17.05
CA SER A 67 -24.31 -8.22 17.41
C SER A 67 -23.50 -9.43 17.85
N GLY A 68 -23.33 -9.58 19.17
CA GLY A 68 -22.52 -10.69 19.66
C GLY A 68 -21.07 -10.51 19.23
N THR A 69 -20.56 -11.42 18.42
CA THR A 69 -19.21 -11.31 17.87
C THR A 69 -19.21 -10.81 16.44
N ASP A 70 -20.35 -10.34 15.93
CA ASP A 70 -20.45 -9.79 14.58
C ASP A 70 -20.51 -8.27 14.62
N PHE A 71 -19.67 -7.63 13.81
CA PHE A 71 -19.53 -6.19 13.80
C PHE A 71 -19.75 -5.70 12.38
N THR A 72 -20.44 -4.56 12.24
CA THR A 72 -20.76 -4.01 10.93
CA THR A 72 -20.77 -4.01 10.94
C THR A 72 -20.33 -2.55 10.84
N LEU A 73 -19.78 -2.18 9.70
CA LEU A 73 -19.53 -0.79 9.35
C LEU A 73 -20.42 -0.46 8.18
N THR A 74 -21.20 0.61 8.30
CA THR A 74 -22.14 1.03 7.26
C THR A 74 -21.79 2.46 6.83
N ILE A 75 -21.72 2.67 5.52
CA ILE A 75 -21.68 4.01 4.94
C ILE A 75 -23.02 4.24 4.26
N SER A 76 -23.77 5.24 4.76
CA SER A 76 -25.15 5.39 4.34
C SER A 76 -25.30 6.03 2.96
N SER A 77 -24.28 6.75 2.49
CA SER A 77 -24.36 7.45 1.20
C SER A 77 -22.94 7.52 0.65
N LEU A 78 -22.56 6.50 -0.11
CA LEU A 78 -21.17 6.32 -0.51
C LEU A 78 -20.68 7.53 -1.32
N GLN A 79 -19.57 8.11 -0.88
CA GLN A 79 -19.01 9.26 -1.60
C GLN A 79 -17.75 8.84 -2.34
N PRO A 80 -17.38 9.55 -3.41
CA PRO A 80 -16.19 9.14 -4.19
C PRO A 80 -14.94 9.05 -3.35
N GLU A 81 -14.81 9.93 -2.34
CA GLU A 81 -13.64 9.94 -1.47
C GLU A 81 -13.67 8.80 -0.45
N ASP A 82 -14.76 8.05 -0.35
CA ASP A 82 -14.78 6.90 0.53
C ASP A 82 -14.09 5.70 -0.09
N GLU A 83 -13.68 5.83 -1.34
CA GLU A 83 -12.90 4.81 -2.02
C GLU A 83 -11.64 4.55 -1.19
N ALA A 84 -11.50 3.36 -0.61
CA ALA A 84 -10.43 3.08 0.34
C ALA A 84 -10.52 1.61 0.76
N ASP A 85 -9.52 1.18 1.53
CA ASP A 85 -9.60 -0.08 2.27
C ASP A 85 -10.05 0.20 3.70
N TYR A 86 -10.82 -0.74 4.26
CA TYR A 86 -11.35 -0.62 5.61
C TYR A 86 -10.93 -1.82 6.44
N TYR A 87 -10.49 -1.54 7.68
CA TYR A 87 -9.99 -2.56 8.59
C TYR A 87 -10.68 -2.49 9.95
N CYS A 88 -11.06 -3.63 10.48
CA CYS A 88 -11.50 -3.69 11.87
C CYS A 88 -10.34 -4.16 12.75
N GLN A 89 -10.42 -3.85 14.04
CA GLN A 89 -9.37 -4.21 14.98
C GLN A 89 -9.98 -4.44 16.34
N GLN A 90 -9.63 -5.54 17.00
CA GLN A 90 -10.06 -5.77 18.38
C GLN A 90 -8.92 -5.40 19.34
N HIS A 91 -9.28 -4.79 20.47
CA HIS A 91 -8.34 -4.49 21.54
CA HIS A 91 -8.33 -4.51 21.54
C HIS A 91 -8.74 -5.17 22.85
N TYR A 92 -9.56 -6.21 22.78
CA TYR A 92 -10.04 -6.86 24.00
C TYR A 92 -8.94 -7.68 24.66
N THR A 93 -8.12 -8.37 23.87
CA THR A 93 -7.02 -9.16 24.40
C THR A 93 -5.75 -8.86 23.64
N THR A 94 -4.64 -8.96 24.34
CA THR A 94 -3.33 -8.82 23.73
C THR A 94 -2.93 -10.15 23.08
N PRO A 95 -2.43 -10.15 21.85
CA PRO A 95 -2.19 -9.01 20.97
C PRO A 95 -3.46 -8.43 20.39
N PRO A 96 -3.55 -7.10 20.28
CA PRO A 96 -4.58 -6.54 19.41
C PRO A 96 -4.39 -7.10 18.01
N THR A 97 -5.51 -7.42 17.35
CA THR A 97 -5.45 -8.02 16.03
C THR A 97 -6.37 -7.28 15.07
N PHE A 98 -5.98 -7.28 13.80
CA PHE A 98 -6.68 -6.60 12.73
C PHE A 98 -7.33 -7.60 11.77
N GLY A 99 -8.46 -7.20 11.20
CA GLY A 99 -8.99 -7.93 10.07
C GLY A 99 -8.10 -7.77 8.85
N ALA A 100 -8.34 -8.60 7.84
CA ALA A 100 -7.53 -8.58 6.62
C ALA A 100 -7.94 -7.48 5.64
N GLY A 101 -9.05 -6.81 5.88
CA GLY A 101 -9.38 -5.62 5.13
C GLY A 101 -10.51 -5.88 4.13
N THR A 102 -11.27 -4.83 3.85
CA THR A 102 -12.24 -4.82 2.78
C THR A 102 -11.96 -3.63 1.89
N LYS A 103 -11.84 -3.88 0.58
CA LYS A 103 -11.63 -2.81 -0.38
C LYS A 103 -12.98 -2.35 -0.91
N VAL A 104 -13.23 -1.04 -0.86
CA VAL A 104 -14.46 -0.45 -1.38
C VAL A 104 -14.12 0.36 -2.61
N GLU A 105 -14.75 0.04 -3.73
CA GLU A 105 -14.55 0.72 -5.02
C GLU A 105 -15.83 1.42 -5.45
N ILE A 106 -15.67 2.45 -6.28
CA ILE A 106 -16.80 3.24 -6.76
C ILE A 106 -17.19 2.72 -8.14
N LYS A 107 -18.48 2.42 -8.33
CA LYS A 107 -19.04 2.14 -9.64
C LYS A 107 -19.41 3.42 -10.34
N ARG A 108 -19.09 3.51 -11.63
CA ARG A 108 -19.45 4.68 -12.43
C ARG A 108 -19.64 4.28 -13.89
N THR A 109 -19.96 5.27 -14.72
CA THR A 109 -20.20 5.00 -16.13
C THR A 109 -18.91 4.62 -16.86
N VAL A 110 -19.06 3.83 -17.91
CA VAL A 110 -17.94 3.42 -18.74
C VAL A 110 -17.31 4.66 -19.37
N ALA A 111 -15.98 4.70 -19.42
CA ALA A 111 -15.24 5.74 -20.11
C ALA A 111 -14.06 5.10 -20.84
N ALA A 112 -13.95 5.34 -22.14
CA ALA A 112 -12.85 4.79 -22.90
C ALA A 112 -11.55 5.53 -22.57
N PRO A 113 -10.41 4.85 -22.62
CA PRO A 113 -9.13 5.53 -22.34
C PRO A 113 -8.66 6.39 -23.50
N SER A 114 -7.97 7.47 -23.13
CA SER A 114 -7.05 8.14 -24.05
C SER A 114 -5.78 7.31 -24.16
N VAL A 115 -5.32 7.02 -25.38
CA VAL A 115 -4.21 6.09 -25.59
C VAL A 115 -3.04 6.83 -26.23
N PHE A 116 -1.87 6.75 -25.60
CA PHE A 116 -0.69 7.48 -26.06
C PHE A 116 0.53 6.57 -26.00
N ILE A 117 1.53 6.87 -26.83
CA ILE A 117 2.73 6.05 -26.85
C ILE A 117 3.95 6.96 -26.86
N PHE A 118 5.01 6.53 -26.15
CA PHE A 118 6.26 7.29 -26.03
C PHE A 118 7.42 6.40 -26.46
N PRO A 119 8.14 6.76 -27.51
CA PRO A 119 9.39 6.03 -27.83
C PRO A 119 10.39 6.13 -26.70
N PRO A 120 11.43 5.30 -26.69
CA PRO A 120 12.56 5.52 -25.77
C PRO A 120 13.16 6.90 -25.99
N SER A 121 13.62 7.53 -24.91
CA SER A 121 14.27 8.82 -25.06
C SER A 121 15.68 8.64 -25.64
N ASP A 122 16.15 9.68 -26.33
CA ASP A 122 17.53 9.65 -26.82
C ASP A 122 18.51 9.50 -25.67
N GLU A 123 18.23 10.14 -24.54
CA GLU A 123 19.08 9.99 -23.35
CA GLU A 123 19.09 9.98 -23.37
C GLU A 123 19.22 8.52 -22.97
N GLN A 124 18.09 7.82 -22.83
CA GLN A 124 18.15 6.41 -22.43
C GLN A 124 18.89 5.58 -23.46
N LEU A 125 18.64 5.87 -24.75
CA LEU A 125 19.29 5.13 -25.81
C LEU A 125 20.80 5.27 -25.78
N LYS A 126 21.33 6.35 -25.18
CA LYS A 126 22.78 6.44 -24.99
C LYS A 126 23.30 5.28 -24.15
N SER A 127 22.46 4.71 -23.27
CA SER A 127 22.75 3.49 -22.55
CA SER A 127 22.81 3.48 -22.58
C SER A 127 22.36 2.29 -23.41
N GLY A 128 22.35 1.10 -22.83
CA GLY A 128 22.09 -0.06 -23.66
C GLY A 128 20.69 -0.64 -23.62
N THR A 129 19.70 0.14 -23.17
CA THR A 129 18.35 -0.37 -23.03
CA THR A 129 18.34 -0.37 -23.00
C THR A 129 17.34 0.64 -23.55
N ALA A 130 16.19 0.13 -23.99
CA ALA A 130 15.13 0.93 -24.56
C ALA A 130 13.84 0.60 -23.82
N SER A 131 13.17 1.63 -23.31
CA SER A 131 11.86 1.48 -22.70
C SER A 131 10.84 2.19 -23.58
N VAL A 132 9.83 1.47 -24.02
CA VAL A 132 8.72 2.02 -24.79
C VAL A 132 7.50 2.02 -23.88
N VAL A 133 6.81 3.16 -23.78
CA VAL A 133 5.72 3.32 -22.81
C VAL A 133 4.41 3.56 -23.54
N CYS A 134 3.41 2.75 -23.20
CA CYS A 134 2.04 2.93 -23.67
C CYS A 134 1.22 3.44 -22.47
N LEU A 135 0.45 4.51 -22.68
CA LEU A 135 -0.30 5.15 -21.60
C LEU A 135 -1.79 5.09 -21.91
N LEU A 136 -2.57 4.57 -20.96
CA LEU A 136 -4.03 4.56 -21.04
C LEU A 136 -4.54 5.50 -19.95
N ASN A 137 -5.16 6.62 -20.33
CA ASN A 137 -5.49 7.64 -19.36
C ASN A 137 -6.99 7.70 -19.11
N ASN A 138 -7.36 7.66 -17.83
CA ASN A 138 -8.67 8.10 -17.31
C ASN A 138 -9.82 7.27 -17.90
N PHE A 139 -9.80 5.97 -17.60
CA PHE A 139 -10.82 5.06 -18.12
C PHE A 139 -11.54 4.34 -16.98
N TYR A 140 -12.64 3.67 -17.36
CA TYR A 140 -13.45 2.89 -16.44
C TYR A 140 -14.29 1.94 -17.27
N PRO A 141 -14.41 0.66 -16.88
CA PRO A 141 -13.85 0.03 -15.67
C PRO A 141 -12.36 -0.28 -15.79
N ARG A 142 -11.83 -0.90 -14.75
CA ARG A 142 -10.39 -1.14 -14.65
C ARG A 142 -9.89 -2.14 -15.69
N GLU A 143 -10.72 -3.10 -16.10
CA GLU A 143 -10.29 -4.16 -17.00
CA GLU A 143 -10.28 -4.15 -16.99
C GLU A 143 -9.88 -3.58 -18.35
N ALA A 144 -8.71 -3.98 -18.83
CA ALA A 144 -8.19 -3.52 -20.10
C ALA A 144 -7.07 -4.45 -20.53
N LYS A 145 -6.96 -4.68 -21.83
CA LYS A 145 -5.95 -5.57 -22.39
C LYS A 145 -5.03 -4.74 -23.28
N VAL A 146 -3.74 -4.77 -22.99
CA VAL A 146 -2.73 -4.07 -23.74
C VAL A 146 -1.78 -5.10 -24.32
N GLN A 147 -1.65 -5.12 -25.63
CA GLN A 147 -0.73 -6.02 -26.31
C GLN A 147 0.29 -5.21 -27.09
N TRP A 148 1.52 -5.67 -27.07
CA TRP A 148 2.60 -5.02 -27.79
C TRP A 148 2.92 -5.79 -29.06
N LYS A 149 3.20 -5.07 -30.12
CA LYS A 149 3.67 -5.70 -31.35
C LYS A 149 4.90 -4.93 -31.84
N VAL A 150 5.92 -5.69 -32.25
CA VAL A 150 7.13 -5.11 -32.83
C VAL A 150 7.27 -5.67 -34.22
N ASP A 151 7.30 -4.78 -35.22
CA ASP A 151 7.18 -5.16 -36.62
C ASP A 151 6.07 -6.20 -36.80
N ASN A 152 4.93 -5.98 -36.14
CA ASN A 152 3.72 -6.77 -36.21
C ASN A 152 3.82 -8.14 -35.54
N ALA A 153 4.90 -8.41 -34.82
CA ALA A 153 5.03 -9.67 -34.08
C ALA A 153 4.58 -9.45 -32.64
N LEU A 154 3.63 -10.26 -32.20
CA LEU A 154 3.11 -10.14 -30.84
C LEU A 154 4.22 -10.40 -29.82
N GLN A 155 4.36 -9.49 -28.86
CA GLN A 155 5.39 -9.59 -27.84
C GLN A 155 4.84 -10.31 -26.61
N SER A 156 5.73 -11.00 -25.91
CA SER A 156 5.32 -11.75 -24.73
C SER A 156 6.49 -11.84 -23.77
N GLY A 157 6.24 -11.54 -22.50
CA GLY A 157 7.21 -11.71 -21.45
C GLY A 157 8.14 -10.55 -21.23
N ASN A 158 8.06 -9.49 -22.04
CA ASN A 158 8.99 -8.37 -21.98
C ASN A 158 8.27 -7.06 -21.71
N SER A 159 7.11 -7.10 -21.07
CA SER A 159 6.43 -5.87 -20.70
C SER A 159 5.86 -6.02 -19.30
N GLN A 160 5.68 -4.88 -18.63
CA GLN A 160 5.04 -4.82 -17.33
C GLN A 160 4.04 -3.67 -17.30
N GLU A 161 2.94 -3.89 -16.59
CA GLU A 161 1.88 -2.90 -16.41
C GLU A 161 1.87 -2.37 -14.98
N SER A 162 1.45 -1.13 -14.84
CA SER A 162 1.16 -0.52 -13.56
C SER A 162 -0.15 0.24 -13.71
N VAL A 163 -1.01 0.19 -12.68
CA VAL A 163 -2.33 0.80 -12.74
C VAL A 163 -2.52 1.68 -11.51
N THR A 164 -2.98 2.91 -11.71
CA THR A 164 -3.27 3.76 -10.57
C THR A 164 -4.49 3.23 -9.81
N GLU A 165 -4.62 3.65 -8.56
CA GLU A 165 -5.85 3.43 -7.84
C GLU A 165 -6.90 4.45 -8.32
N GLN A 166 -8.16 4.19 -7.97
CA GLN A 166 -9.27 5.01 -8.47
C GLN A 166 -9.07 6.48 -8.16
N ASP A 167 -9.31 7.34 -9.16
CA ASP A 167 -9.11 8.77 -8.98
C ASP A 167 -10.12 9.30 -7.97
N SER A 168 -9.66 10.25 -7.13
CA SER A 168 -10.45 10.68 -5.99
C SER A 168 -11.68 11.50 -6.40
N LYS A 169 -11.61 12.17 -7.55
CA LYS A 169 -12.75 12.96 -8.02
C LYS A 169 -13.60 12.23 -9.05
N ASP A 170 -13.00 11.69 -10.13
CA ASP A 170 -13.78 11.15 -11.23
C ASP A 170 -13.81 9.63 -11.27
N SER A 171 -13.14 8.96 -10.32
CA SER A 171 -13.23 7.52 -10.12
C SER A 171 -12.70 6.71 -11.30
N THR A 172 -11.85 7.30 -12.13
CA THR A 172 -11.28 6.55 -13.23
C THR A 172 -9.94 5.96 -12.83
N TYR A 173 -9.41 5.11 -13.71
CA TYR A 173 -8.10 4.51 -13.61
C TYR A 173 -7.22 5.01 -14.75
N SER A 174 -5.92 4.88 -14.54
CA SER A 174 -4.96 5.03 -15.61
C SER A 174 -3.99 3.86 -15.54
N LEU A 175 -3.39 3.55 -16.68
CA LEU A 175 -2.52 2.39 -16.79
C LEU A 175 -1.35 2.73 -17.69
N SER A 176 -0.17 2.27 -17.30
CA SER A 176 1.00 2.35 -18.16
C SER A 176 1.47 0.92 -18.43
N SER A 177 1.88 0.68 -19.67
CA SER A 177 2.55 -0.57 -20.03
C SER A 177 3.89 -0.20 -20.62
N THR A 178 4.95 -0.83 -20.11
CA THR A 178 6.31 -0.51 -20.51
C THR A 178 6.92 -1.76 -21.14
N LEU A 179 7.40 -1.61 -22.38
CA LEU A 179 8.08 -2.65 -23.12
C LEU A 179 9.58 -2.39 -23.01
N THR A 180 10.32 -3.36 -22.51
CA THR A 180 11.76 -3.23 -22.32
C THR A 180 12.51 -4.10 -23.31
N LEU A 181 13.43 -3.49 -24.06
CA LEU A 181 14.27 -4.13 -25.06
C LEU A 181 15.72 -3.72 -24.82
N SER A 182 16.64 -4.51 -25.35
CA SER A 182 18.00 -4.01 -25.50
C SER A 182 18.01 -2.90 -26.56
N LYS A 183 18.97 -1.98 -26.43
CA LYS A 183 19.16 -0.99 -27.49
C LYS A 183 19.41 -1.67 -28.82
N ALA A 184 20.20 -2.75 -28.84
CA ALA A 184 20.45 -3.46 -30.08
C ALA A 184 19.14 -3.97 -30.70
N ASP A 185 18.26 -4.55 -29.88
CA ASP A 185 17.00 -5.04 -30.41
C ASP A 185 16.11 -3.89 -30.89
N TYR A 186 16.05 -2.81 -30.11
CA TYR A 186 15.24 -1.66 -30.53
C TYR A 186 15.70 -1.13 -31.88
N GLU A 187 17.02 -1.03 -32.08
CA GLU A 187 17.52 -0.50 -33.33
C GLU A 187 17.39 -1.48 -34.49
N LYS A 188 17.05 -2.72 -34.21
CA LYS A 188 16.91 -3.73 -35.25
C LYS A 188 15.52 -3.74 -35.88
N HIS A 189 14.52 -3.22 -35.18
CA HIS A 189 13.15 -3.24 -35.68
C HIS A 189 12.66 -1.83 -35.92
N LYS A 190 11.50 -1.73 -36.56
CA LYS A 190 11.03 -0.43 -37.05
C LYS A 190 9.72 0.01 -36.42
N VAL A 191 8.72 -0.86 -36.34
CA VAL A 191 7.36 -0.46 -35.99
C VAL A 191 7.05 -0.96 -34.59
N TYR A 192 6.70 -0.03 -33.69
CA TYR A 192 6.37 -0.34 -32.31
C TYR A 192 4.92 0.07 -32.08
N ALA A 193 4.11 -0.85 -31.58
CA ALA A 193 2.67 -0.64 -31.55
C ALA A 193 2.10 -1.27 -30.30
N CYS A 194 1.22 -0.51 -29.64
CA CYS A 194 0.46 -0.95 -28.48
CA CYS A 194 0.46 -1.03 -28.51
C CYS A 194 -1.00 -1.04 -28.88
N GLU A 195 -1.64 -2.17 -28.68
CA GLU A 195 -3.04 -2.35 -29.02
C GLU A 195 -3.85 -2.49 -27.76
N VAL A 196 -4.90 -1.69 -27.65
CA VAL A 196 -5.66 -1.54 -26.41
C VAL A 196 -7.08 -2.04 -26.65
N THR A 197 -7.52 -2.97 -25.81
CA THR A 197 -8.91 -3.43 -25.80
C THR A 197 -9.57 -2.97 -24.52
N HIS A 198 -10.74 -2.35 -24.66
CA HIS A 198 -11.44 -1.84 -23.50
C HIS A 198 -12.93 -1.74 -23.81
N GLN A 199 -13.75 -1.97 -22.79
CA GLN A 199 -15.20 -2.01 -22.95
C GLN A 199 -15.74 -0.72 -23.55
N GLY A 200 -15.11 0.43 -23.29
CA GLY A 200 -15.60 1.71 -23.80
C GLY A 200 -15.30 1.96 -25.26
N LEU A 201 -14.41 1.16 -25.86
CA LEU A 201 -14.01 1.32 -27.26
C LEU A 201 -14.84 0.39 -28.14
N SER A 202 -15.31 0.91 -29.29
CA SER A 202 -16.13 0.06 -30.15
C SER A 202 -15.32 -1.04 -30.82
N SER A 203 -13.99 -0.89 -30.87
CA SER A 203 -13.08 -1.94 -31.30
C SER A 203 -11.68 -1.55 -30.85
N PRO A 204 -10.74 -2.50 -30.82
CA PRO A 204 -9.42 -2.19 -30.23
C PRO A 204 -8.71 -1.04 -30.95
N VAL A 205 -7.91 -0.30 -30.18
CA VAL A 205 -7.21 0.87 -30.67
C VAL A 205 -5.72 0.57 -30.68
N THR A 206 -5.08 0.78 -31.83
CA THR A 206 -3.64 0.63 -31.95
C THR A 206 -2.99 2.00 -32.06
N LYS A 207 -2.01 2.26 -31.19
CA LYS A 207 -1.17 3.45 -31.27
C LYS A 207 0.25 3.00 -31.56
N SER A 208 0.89 3.62 -32.54
CA SER A 208 2.21 3.13 -32.93
C SER A 208 3.08 4.26 -33.44
N PHE A 209 4.36 3.95 -33.58
CA PHE A 209 5.34 4.83 -34.21
C PHE A 209 6.37 3.97 -34.91
N ASN A 210 7.02 4.56 -35.91
CA ASN A 210 8.19 4.00 -36.56
C ASN A 210 9.42 4.58 -35.89
N ARG A 211 10.35 3.72 -35.47
CA ARG A 211 11.59 4.22 -34.89
C ARG A 211 12.27 5.17 -35.85
N GLY A 212 12.69 6.33 -35.36
CA GLY A 212 13.32 7.34 -36.18
C GLY A 212 12.42 8.49 -36.59
N GLU A 213 11.11 8.31 -36.57
CA GLU A 213 10.22 9.40 -36.98
C GLU A 213 10.19 10.47 -35.90
N CYS A 214 9.97 11.72 -36.31
CA CYS A 214 9.82 12.79 -35.33
C CYS A 214 8.35 12.97 -34.99
N GLU B 1 -2.35 20.50 17.62
CA GLU B 1 -2.47 19.38 16.70
C GLU B 1 -1.63 18.22 17.21
N VAL B 2 -2.26 17.07 17.36
CA VAL B 2 -1.51 15.86 17.70
C VAL B 2 -0.76 15.38 16.46
N GLN B 3 0.52 15.01 16.64
CA GLN B 3 1.28 14.46 15.53
C GLN B 3 2.25 13.40 16.03
N LEU B 4 2.42 12.35 15.25
CA LEU B 4 3.45 11.34 15.46
C LEU B 4 4.27 11.22 14.17
N VAL B 5 5.59 11.20 14.30
CA VAL B 5 6.48 11.17 13.14
C VAL B 5 7.51 10.06 13.35
N GLU B 6 7.43 9.02 12.52
CA GLU B 6 8.41 7.95 12.55
C GLU B 6 9.64 8.34 11.72
N SER B 7 10.80 7.84 12.11
CA SER B 7 12.00 8.01 11.32
C SER B 7 12.91 6.81 11.58
N GLY B 8 13.89 6.64 10.69
CA GLY B 8 14.88 5.60 10.87
C GLY B 8 14.72 4.39 9.97
N GLY B 9 13.60 4.25 9.27
CA GLY B 9 13.44 3.12 8.38
C GLY B 9 14.44 3.15 7.24
N GLY B 10 14.81 1.99 6.75
CA GLY B 10 15.73 1.92 5.63
C GLY B 10 16.09 0.49 5.30
N LEU B 11 17.02 0.37 4.35
CA LEU B 11 17.50 -0.94 3.92
C LEU B 11 18.44 -1.51 4.97
N VAL B 12 18.29 -2.79 5.29
CA VAL B 12 19.17 -3.46 6.24
C VAL B 12 19.31 -4.91 5.79
N GLN B 13 20.50 -5.48 6.02
CA GLN B 13 20.73 -6.86 5.63
C GLN B 13 20.04 -7.81 6.59
N PRO B 14 19.65 -9.00 6.12
CA PRO B 14 19.19 -10.04 7.06
C PRO B 14 20.21 -10.26 8.17
N GLY B 15 19.72 -10.39 9.40
CA GLY B 15 20.59 -10.50 10.56
C GLY B 15 21.04 -9.17 11.13
N GLY B 16 20.77 -8.07 10.43
CA GLY B 16 21.24 -6.76 10.84
C GLY B 16 20.33 -6.10 11.85
N SER B 17 20.68 -4.85 12.17
CA SER B 17 20.00 -4.09 13.23
C SER B 17 19.60 -2.71 12.71
N LEU B 18 18.49 -2.20 13.21
CA LEU B 18 18.02 -0.87 12.87
C LEU B 18 17.30 -0.32 14.10
N ARG B 19 17.26 1.02 14.23
CA ARG B 19 16.54 1.65 15.33
C ARG B 19 15.58 2.69 14.77
N LEU B 20 14.29 2.52 15.04
CA LEU B 20 13.29 3.50 14.63
C LEU B 20 13.00 4.45 15.79
N SER B 21 12.62 5.68 15.44
CA SER B 21 12.16 6.67 16.40
C SER B 21 10.74 7.09 16.05
N CYS B 22 10.01 7.54 17.07
CA CYS B 22 8.64 8.04 16.93
C CYS B 22 8.56 9.32 17.76
N ALA B 23 8.63 10.47 17.10
CA ALA B 23 8.61 11.76 17.79
C ALA B 23 7.18 12.26 17.88
N ALA B 24 6.69 12.45 19.10
CA ALA B 24 5.33 12.91 19.32
C ALA B 24 5.32 14.41 19.57
N SER B 25 4.22 15.05 19.18
CA SER B 25 4.04 16.45 19.52
C SER B 25 2.54 16.70 19.66
N GLY B 26 2.20 17.79 20.35
CA GLY B 26 0.81 18.13 20.57
C GLY B 26 0.14 17.36 21.71
N PHE B 27 0.86 16.43 22.34
CA PHE B 27 0.37 15.72 23.52
C PHE B 27 1.61 15.17 24.20
N ASN B 28 1.42 14.60 25.39
CA ASN B 28 2.52 14.01 26.13
C ASN B 28 2.35 12.50 26.13
N ILE B 29 3.38 11.78 25.67
CA ILE B 29 3.29 10.32 25.63
C ILE B 29 3.15 9.72 27.03
N LYS B 30 3.45 10.51 28.08
CA LYS B 30 3.22 10.06 29.45
C LYS B 30 1.74 9.85 29.74
N ASP B 31 0.86 10.37 28.91
CA ASP B 31 -0.57 10.25 29.14
C ASP B 31 -1.21 9.13 28.35
N THR B 32 -0.45 8.42 27.50
CA THR B 32 -1.06 7.46 26.60
C THR B 32 -0.23 6.17 26.56
N TYR B 33 -0.81 5.15 25.93
CA TYR B 33 -0.01 4.06 25.39
C TYR B 33 0.55 4.49 24.04
N ILE B 34 1.72 3.98 23.72
CA ILE B 34 2.32 4.14 22.40
C ILE B 34 2.54 2.75 21.83
N HIS B 35 2.09 2.56 20.60
CA HIS B 35 2.19 1.26 19.94
C HIS B 35 3.06 1.40 18.71
N TRP B 36 3.69 0.30 18.33
CA TRP B 36 4.23 0.12 16.99
C TRP B 36 3.40 -0.95 16.30
N VAL B 37 2.95 -0.63 15.08
CA VAL B 37 2.16 -1.50 14.22
C VAL B 37 2.84 -1.49 12.86
N ARG B 38 3.02 -2.67 12.25
CA ARG B 38 3.61 -2.71 10.91
C ARG B 38 2.59 -3.22 9.92
N GLN B 39 2.87 -3.02 8.64
CA GLN B 39 1.96 -3.42 7.57
C GLN B 39 2.79 -3.96 6.42
N SER B 40 2.51 -5.20 6.01
CA SER B 40 3.30 -5.90 5.02
C SER B 40 2.37 -6.69 4.10
N PRO B 41 2.84 -7.06 2.91
CA PRO B 41 2.02 -7.93 2.05
C PRO B 41 1.67 -9.26 2.71
N GLY B 42 2.59 -9.82 3.48
CA GLY B 42 2.39 -11.16 4.00
C GLY B 42 1.33 -11.22 5.10
N LYS B 43 1.35 -10.26 6.02
CA LYS B 43 0.53 -10.33 7.22
C LYS B 43 -0.43 -9.17 7.38
N GLY B 44 -0.45 -8.20 6.45
CA GLY B 44 -1.35 -7.07 6.60
C GLY B 44 -0.95 -6.21 7.79
N LEU B 45 -1.95 -5.61 8.43
CA LEU B 45 -1.70 -4.84 9.64
C LEU B 45 -1.43 -5.78 10.80
N GLU B 46 -0.30 -5.59 11.45
CA GLU B 46 0.20 -6.54 12.45
C GLU B 46 0.78 -5.75 13.61
N TRP B 47 0.20 -5.89 14.78
CA TRP B 47 0.69 -5.19 15.96
C TRP B 47 2.06 -5.74 16.35
N VAL B 48 2.97 -4.85 16.74
CA VAL B 48 4.35 -5.23 17.02
C VAL B 48 4.66 -5.13 18.51
N ALA B 49 4.35 -4.00 19.13
CA ALA B 49 4.76 -3.79 20.52
C ALA B 49 4.02 -2.58 21.06
N ARG B 50 3.94 -2.49 22.39
CA ARG B 50 3.39 -1.30 23.01
C ARG B 50 4.15 -1.01 24.29
N ILE B 51 4.07 0.26 24.70
CA ILE B 51 4.68 0.70 25.94
C ILE B 51 3.73 1.68 26.61
N TYR B 52 3.71 1.66 27.95
CA TYR B 52 3.03 2.71 28.70
C TYR B 52 4.11 3.56 29.36
N PRO B 53 4.51 4.69 28.74
CA PRO B 53 5.69 5.40 29.22
C PRO B 53 5.63 5.83 30.67
N THR B 54 4.43 6.03 31.22
CA THR B 54 4.33 6.44 32.63
C THR B 54 4.94 5.41 33.58
N ASN B 55 4.80 4.12 33.29
CA ASN B 55 5.34 3.12 34.20
C ASN B 55 6.29 2.14 33.50
N GLY B 56 6.57 2.34 32.21
CA GLY B 56 7.52 1.50 31.51
C GLY B 56 7.05 0.12 31.15
N TYR B 57 5.79 -0.23 31.43
CA TYR B 57 5.28 -1.56 31.08
C TYR B 57 5.28 -1.76 29.57
N THR B 58 5.81 -2.90 29.12
CA THR B 58 5.88 -3.20 27.69
C THR B 58 5.25 -4.56 27.40
N ARG B 59 4.77 -4.72 26.16
CA ARG B 59 4.27 -5.99 25.66
C ARG B 59 4.70 -6.12 24.21
N TYR B 60 4.87 -7.36 23.75
CA TYR B 60 5.46 -7.61 22.43
C TYR B 60 4.66 -8.67 21.70
N ALA B 61 4.64 -8.59 20.37
CA ALA B 61 4.15 -9.71 19.59
C ALA B 61 5.13 -10.88 19.69
N ASP B 62 4.59 -12.11 19.74
CA ASP B 62 5.39 -13.32 19.82
C ASP B 62 6.45 -13.38 18.72
N SER B 63 6.11 -12.92 17.52
CA SER B 63 7.04 -13.07 16.39
C SER B 63 8.24 -12.12 16.47
N VAL B 64 8.23 -11.11 17.33
CA VAL B 64 9.35 -10.19 17.47
C VAL B 64 9.99 -10.25 18.85
N LYS B 65 9.40 -10.95 19.81
CA LYS B 65 9.93 -10.94 21.18
C LYS B 65 11.38 -11.40 21.21
N GLY B 66 12.19 -10.70 21.99
CA GLY B 66 13.62 -10.98 22.04
C GLY B 66 14.42 -10.29 20.95
N ARG B 67 13.83 -10.09 19.76
CA ARG B 67 14.57 -9.45 18.67
C ARG B 67 14.34 -7.95 18.61
N PHE B 68 13.17 -7.48 19.02
CA PHE B 68 12.81 -6.07 19.05
C PHE B 68 12.61 -5.63 20.50
N THR B 69 12.93 -4.38 20.77
CA THR B 69 12.60 -3.79 22.06
C THR B 69 11.99 -2.41 21.86
N ILE B 70 10.96 -2.12 22.64
CA ILE B 70 10.33 -0.80 22.61
C ILE B 70 10.77 -0.04 23.85
N SER B 71 10.87 1.27 23.73
CA SER B 71 11.29 2.12 24.83
C SER B 71 10.76 3.52 24.56
N ALA B 72 10.82 4.35 25.58
CA ALA B 72 10.35 5.72 25.47
C ALA B 72 11.23 6.63 26.32
N ASP B 73 11.43 7.85 25.83
CA ASP B 73 12.12 8.91 26.55
C ASP B 73 11.10 10.02 26.73
N THR B 74 10.50 10.13 27.91
CA THR B 74 9.47 11.13 28.11
C THR B 74 10.03 12.54 28.03
N SER B 75 11.33 12.71 28.34
CA SER B 75 11.91 14.05 28.28
C SER B 75 12.03 14.54 26.84
N LYS B 76 12.15 13.64 25.87
CA LYS B 76 12.13 14.00 24.46
C LYS B 76 10.79 13.72 23.80
N ASN B 77 9.81 13.24 24.57
CA ASN B 77 8.48 12.90 24.04
C ASN B 77 8.60 11.99 22.82
N THR B 78 9.50 11.02 22.91
CA THR B 78 9.86 10.18 21.77
C THR B 78 9.87 8.72 22.20
N ALA B 79 9.37 7.85 21.32
CA ALA B 79 9.43 6.41 21.52
C ALA B 79 10.35 5.80 20.47
N TYR B 80 10.80 4.57 20.74
CA TYR B 80 11.82 3.93 19.90
C TYR B 80 11.48 2.46 19.71
N LEU B 81 11.94 1.91 18.59
CA LEU B 81 11.90 0.46 18.37
C LEU B 81 13.28 0.01 17.92
N GLN B 82 13.97 -0.77 18.74
CA GLN B 82 15.23 -1.37 18.35
C GLN B 82 14.92 -2.69 17.66
N MET B 83 15.50 -2.93 16.49
CA MET B 83 15.17 -4.09 15.69
C MET B 83 16.47 -4.82 15.37
N ASN B 84 16.68 -5.96 16.02
CA ASN B 84 17.85 -6.78 15.80
C ASN B 84 17.44 -8.07 15.13
N SER B 85 18.46 -8.81 14.66
CA SER B 85 18.28 -10.14 14.09
C SER B 85 17.17 -10.13 13.02
N LEU B 86 17.25 -9.15 12.12
CA LEU B 86 16.14 -8.86 11.22
C LEU B 86 16.00 -9.94 10.16
N ARG B 87 14.75 -10.16 9.73
CA ARG B 87 14.45 -11.21 8.77
C ARG B 87 13.66 -10.60 7.61
N ALA B 88 13.64 -11.33 6.50
CA ALA B 88 12.91 -10.87 5.33
C ALA B 88 11.46 -10.56 5.67
N GLU B 89 10.85 -11.38 6.53
CA GLU B 89 9.45 -11.17 6.87
C GLU B 89 9.22 -9.96 7.75
N ASP B 90 10.27 -9.33 8.27
CA ASP B 90 10.15 -8.05 8.97
C ASP B 90 10.02 -6.85 8.03
N THR B 91 10.23 -7.06 6.73
CA THR B 91 10.07 -5.98 5.75
C THR B 91 8.64 -5.46 5.78
N ALA B 92 8.48 -4.16 6.03
CA ALA B 92 7.14 -3.60 6.27
C ALA B 92 7.21 -2.10 6.44
N ILE B 93 6.05 -1.45 6.34
CA ILE B 93 5.89 -0.11 6.85
C ILE B 93 5.66 -0.19 8.35
N TYR B 94 6.46 0.53 9.12
CA TYR B 94 6.32 0.57 10.56
C TYR B 94 5.65 1.88 10.95
N TYR B 95 4.51 1.78 11.61
CA TYR B 95 3.81 2.94 12.14
C TYR B 95 3.91 2.97 13.64
N CYS B 96 3.95 4.18 14.18
CA CYS B 96 3.67 4.33 15.60
CA CYS B 96 3.73 4.43 15.59
C CYS B 96 2.33 5.02 15.76
N SER B 97 1.63 4.64 16.84
CA SER B 97 0.31 5.16 17.11
C SER B 97 0.16 5.37 18.61
N ARG B 98 -0.84 6.15 18.98
CA ARG B 98 -1.18 6.30 20.39
C ARG B 98 -2.53 5.68 20.66
N TRP B 99 -2.74 5.26 21.91
CA TRP B 99 -3.98 4.61 22.33
C TRP B 99 -4.34 5.13 23.71
N GLY B 100 -5.61 5.46 23.91
CA GLY B 100 -6.05 6.04 25.15
C GLY B 100 -5.91 7.55 25.25
N GLY B 101 -5.44 8.21 24.19
CA GLY B 101 -5.29 9.65 24.23
C GLY B 101 -6.66 10.31 24.28
N ASP B 102 -6.81 11.26 25.21
CA ASP B 102 -8.07 11.96 25.43
C ASP B 102 -9.20 11.00 25.81
N GLY B 103 -8.85 9.83 26.33
CA GLY B 103 -9.82 8.85 26.75
C GLY B 103 -10.43 8.01 25.64
N PHE B 104 -9.90 8.11 24.42
CA PHE B 104 -10.41 7.32 23.30
C PHE B 104 -9.67 5.99 23.26
N TYR B 105 -10.42 4.91 23.44
CA TYR B 105 -9.82 3.58 23.52
C TYR B 105 -9.69 2.96 22.13
N ALA B 106 -8.92 3.66 21.30
CA ALA B 106 -8.56 3.18 19.97
C ALA B 106 -7.28 3.92 19.56
N MET B 107 -6.69 3.45 18.44
CA MET B 107 -5.49 4.12 17.92
C MET B 107 -5.93 5.30 17.07
N ASP B 108 -6.04 6.49 17.70
CA ASP B 108 -6.69 7.62 17.04
C ASP B 108 -5.72 8.51 16.27
N TYR B 109 -4.41 8.35 16.46
CA TYR B 109 -3.44 9.05 15.65
C TYR B 109 -2.34 8.06 15.30
N TRP B 110 -1.96 8.06 14.02
CA TRP B 110 -0.90 7.22 13.48
C TRP B 110 0.07 8.12 12.75
N GLY B 111 1.34 7.76 12.74
CA GLY B 111 2.31 8.50 11.96
C GLY B 111 2.17 8.21 10.48
N GLN B 112 3.05 8.83 9.69
CA GLN B 112 3.03 8.57 8.26
C GLN B 112 3.61 7.20 7.94
N GLY B 113 4.39 6.63 8.85
CA GLY B 113 5.00 5.32 8.65
C GLY B 113 6.39 5.42 8.04
N THR B 114 7.26 4.47 8.41
CA THR B 114 8.61 4.42 7.86
C THR B 114 8.86 3.00 7.36
N LEU B 115 9.37 2.90 6.13
CA LEU B 115 9.55 1.61 5.46
C LEU B 115 10.87 0.96 5.85
N VAL B 116 10.82 -0.32 6.25
CA VAL B 116 12.01 -1.10 6.56
C VAL B 116 12.11 -2.20 5.53
N THR B 117 13.26 -2.26 4.84
CA THR B 117 13.50 -3.24 3.79
C THR B 117 14.64 -4.14 4.24
N VAL B 118 14.34 -5.41 4.51
CA VAL B 118 15.35 -6.37 4.91
C VAL B 118 15.76 -7.14 3.66
N SER B 119 16.99 -6.92 3.21
CA SER B 119 17.41 -7.45 1.92
C SER B 119 18.93 -7.42 1.85
N SER B 120 19.50 -8.40 1.16
CA SER B 120 20.93 -8.40 0.90
CA SER B 120 20.93 -8.40 0.90
C SER B 120 21.31 -7.58 -0.32
N ALA B 121 20.34 -7.04 -1.07
CA ALA B 121 20.66 -6.28 -2.26
C ALA B 121 21.17 -4.89 -1.88
N SER B 122 21.88 -4.27 -2.82
CA SER B 122 22.53 -2.99 -2.59
C SER B 122 21.65 -1.83 -3.04
N THR B 123 21.84 -0.69 -2.38
CA THR B 123 21.22 0.56 -2.82
C THR B 123 21.65 0.89 -4.24
N LYS B 124 20.70 1.39 -5.04
CA LYS B 124 21.01 1.87 -6.37
C LYS B 124 20.10 3.04 -6.71
N GLY B 125 20.69 4.14 -7.14
CA GLY B 125 19.93 5.31 -7.52
C GLY B 125 19.35 5.15 -8.91
N PRO B 126 18.20 5.79 -9.16
CA PRO B 126 17.53 5.63 -10.45
C PRO B 126 18.12 6.53 -11.53
N SER B 127 17.84 6.16 -12.78
CA SER B 127 18.04 7.04 -13.93
C SER B 127 16.68 7.67 -14.25
N VAL B 128 16.69 8.95 -14.58
CA VAL B 128 15.46 9.68 -14.85
C VAL B 128 15.47 10.07 -16.33
N PHE B 129 14.49 9.57 -17.07
CA PHE B 129 14.42 9.86 -18.49
C PHE B 129 13.13 10.59 -18.82
N PRO B 130 13.15 11.53 -19.76
CA PRO B 130 11.92 12.22 -20.13
C PRO B 130 11.00 11.32 -20.93
N LEU B 131 9.70 11.54 -20.73
CA LEU B 131 8.66 11.03 -21.61
C LEU B 131 8.17 12.29 -22.33
N ALA B 132 8.79 12.60 -23.46
CA ALA B 132 8.57 13.89 -24.09
C ALA B 132 7.20 13.92 -24.75
N PRO B 133 6.49 15.04 -24.67
CA PRO B 133 5.22 15.15 -25.41
C PRO B 133 5.53 15.18 -26.89
N SER B 134 4.59 14.69 -27.68
CA SER B 134 4.79 14.57 -29.12
C SER B 134 3.43 14.42 -29.80
N SER B 135 3.46 14.25 -31.13
CA SER B 135 2.21 14.03 -31.86
C SER B 135 1.54 12.72 -31.48
N LYS B 136 2.26 11.83 -30.80
CA LYS B 136 1.72 10.54 -30.36
C LYS B 136 1.25 10.56 -28.90
N SER B 137 1.34 11.71 -28.21
CA SER B 137 0.84 11.81 -26.84
C SER B 137 -0.16 12.95 -26.69
N THR B 138 -0.86 13.32 -27.76
CA THR B 138 -1.80 14.44 -27.69
C THR B 138 -3.11 14.06 -28.37
N SER B 139 -4.21 14.56 -27.81
CA SER B 139 -5.51 14.46 -28.44
C SER B 139 -6.46 15.42 -27.74
N GLY B 140 -7.47 15.88 -28.50
CA GLY B 140 -8.47 16.76 -27.90
C GLY B 140 -7.95 18.10 -27.41
N GLY B 141 -6.75 18.49 -27.83
CA GLY B 141 -6.16 19.72 -27.37
C GLY B 141 -5.37 19.61 -26.09
N THR B 142 -5.21 18.41 -25.54
CA THR B 142 -4.36 18.22 -24.37
C THR B 142 -3.24 17.25 -24.73
N ALA B 143 -2.14 17.34 -23.99
CA ALA B 143 -0.96 16.54 -24.27
C ALA B 143 -0.43 15.91 -22.99
N ALA B 144 0.08 14.70 -23.12
CA ALA B 144 0.68 13.97 -22.00
C ALA B 144 2.19 13.99 -22.12
N LEU B 145 2.87 14.15 -21.00
CA LEU B 145 4.32 14.08 -20.94
C LEU B 145 4.66 13.49 -19.59
N GLY B 146 5.92 13.14 -19.38
CA GLY B 146 6.26 12.54 -18.09
C GLY B 146 7.74 12.28 -17.89
N CYS B 147 8.00 11.47 -16.86
CA CYS B 147 9.35 11.05 -16.49
C CYS B 147 9.33 9.56 -16.18
N LEU B 148 10.31 8.84 -16.71
CA LEU B 148 10.51 7.45 -16.40
C LEU B 148 11.65 7.34 -15.38
N VAL B 149 11.35 6.81 -14.21
CA VAL B 149 12.28 6.71 -13.10
C VAL B 149 12.67 5.24 -13.00
N LYS B 150 13.83 4.88 -13.55
CA LYS B 150 14.14 3.48 -13.84
CA LYS B 150 14.14 3.48 -13.85
C LYS B 150 15.32 2.99 -13.02
N ASP B 151 15.21 1.74 -12.56
CA ASP B 151 16.29 0.96 -11.95
C ASP B 151 16.81 1.50 -10.62
N TYR B 152 15.98 1.52 -9.59
CA TYR B 152 16.43 1.95 -8.28
C TYR B 152 16.09 0.90 -7.23
N PHE B 153 16.76 1.00 -6.09
CA PHE B 153 16.52 0.12 -4.95
C PHE B 153 17.12 0.78 -3.73
N PRO B 154 16.48 0.72 -2.55
CA PRO B 154 15.12 0.21 -2.32
C PRO B 154 14.09 1.30 -2.58
N GLU B 155 12.81 1.00 -2.38
CA GLU B 155 11.83 2.06 -2.18
C GLU B 155 12.23 2.87 -0.95
N PRO B 156 11.77 4.14 -0.84
CA PRO B 156 10.86 4.83 -1.73
C PRO B 156 11.53 5.83 -2.65
N VAL B 157 10.82 6.19 -3.71
CA VAL B 157 11.15 7.34 -4.53
C VAL B 157 9.92 8.24 -4.57
N THR B 158 10.14 9.55 -4.57
CA THR B 158 9.05 10.51 -4.68
C THR B 158 9.21 11.30 -5.98
N VAL B 159 8.08 11.72 -6.55
CA VAL B 159 8.05 12.53 -7.77
C VAL B 159 7.05 13.65 -7.57
N SER B 160 7.47 14.88 -7.89
CA SER B 160 6.57 16.01 -7.96
C SER B 160 6.80 16.72 -9.29
N TRP B 161 5.90 17.65 -9.64
CA TRP B 161 6.01 18.42 -10.86
C TRP B 161 6.05 19.91 -10.53
N ASN B 162 7.03 20.60 -11.12
CA ASN B 162 7.20 22.05 -10.92
C ASN B 162 7.20 22.38 -9.43
N SER B 163 7.98 21.59 -8.69
CA SER B 163 8.23 21.77 -7.26
C SER B 163 6.95 21.73 -6.43
N GLY B 164 5.99 20.92 -6.88
CA GLY B 164 4.73 20.77 -6.19
C GLY B 164 3.63 21.71 -6.65
N ALA B 165 3.95 22.69 -7.50
CA ALA B 165 2.94 23.64 -7.96
C ALA B 165 1.99 23.03 -8.98
N LEU B 166 2.40 21.97 -9.65
CA LEU B 166 1.57 21.29 -10.66
C LEU B 166 1.13 19.95 -10.07
N THR B 167 -0.17 19.82 -9.82
CA THR B 167 -0.73 18.62 -9.21
C THR B 167 -1.91 18.10 -10.05
N SER B 168 -2.67 19.01 -10.64
CA SER B 168 -3.82 18.61 -11.44
C SER B 168 -3.38 17.85 -12.69
N GLY B 169 -4.04 16.72 -12.95
CA GLY B 169 -3.72 15.90 -14.12
C GLY B 169 -2.51 15.01 -13.98
N VAL B 170 -1.93 14.90 -12.79
CA VAL B 170 -0.74 14.08 -12.56
C VAL B 170 -1.17 12.65 -12.22
N HIS B 171 -0.54 11.67 -12.87
CA HIS B 171 -0.63 10.26 -12.46
C HIS B 171 0.78 9.73 -12.25
N THR B 172 1.14 9.47 -11.00
CA THR B 172 2.40 8.84 -10.67
C THR B 172 2.11 7.37 -10.42
N PHE B 173 2.55 6.51 -11.34
CA PHE B 173 2.15 5.12 -11.31
C PHE B 173 2.84 4.39 -10.15
N PRO B 174 2.18 3.39 -9.59
CA PRO B 174 2.83 2.53 -8.59
C PRO B 174 4.09 1.92 -9.15
N CYS B 175 5.11 1.80 -8.30
CA CYS B 175 6.36 1.17 -8.70
C CYS B 175 6.11 -0.27 -9.12
N VAL B 176 6.90 -0.74 -10.09
CA VAL B 176 6.92 -2.15 -10.45
C VAL B 176 8.31 -2.69 -10.17
N LEU B 177 8.35 -3.90 -9.63
CA LEU B 177 9.59 -4.63 -9.46
C LEU B 177 9.94 -5.34 -10.76
N GLN B 178 11.08 -4.98 -11.35
CA GLN B 178 11.55 -5.63 -12.56
C GLN B 178 12.22 -6.96 -12.22
N SER B 179 12.36 -7.82 -13.23
CA SER B 179 13.00 -9.11 -13.03
C SER B 179 14.46 -8.99 -12.61
N SER B 180 15.07 -7.84 -12.87
CA SER B 180 16.42 -7.54 -12.38
C SER B 180 16.47 -7.35 -10.87
N GLY B 181 15.34 -7.30 -10.19
CA GLY B 181 15.32 -6.95 -8.79
C GLY B 181 15.33 -5.47 -8.49
N LEU B 182 15.35 -4.62 -9.52
CA LEU B 182 15.29 -3.17 -9.37
C LEU B 182 13.88 -2.67 -9.67
N TYR B 183 13.53 -1.55 -9.05
CA TYR B 183 12.22 -0.96 -9.25
C TYR B 183 12.25 0.06 -10.39
N SER B 184 11.06 0.36 -10.90
CA SER B 184 10.88 1.36 -11.92
C SER B 184 9.47 1.94 -11.78
N LEU B 185 9.32 3.22 -12.10
CA LEU B 185 7.99 3.80 -12.20
C LEU B 185 8.00 4.95 -13.20
N SER B 186 6.80 5.32 -13.65
CA SER B 186 6.60 6.49 -14.48
C SER B 186 5.64 7.45 -13.79
N SER B 187 5.85 8.74 -14.02
CA SER B 187 4.91 9.76 -13.62
C SER B 187 4.57 10.56 -14.87
N VAL B 188 3.28 10.75 -15.14
CA VAL B 188 2.85 11.49 -16.32
C VAL B 188 1.92 12.60 -15.87
N VAL B 189 1.83 13.63 -16.70
CA VAL B 189 0.92 14.74 -16.46
C VAL B 189 0.32 15.15 -17.80
N THR B 190 -0.98 15.47 -17.79
CA THR B 190 -1.67 15.95 -18.98
C THR B 190 -1.86 17.46 -18.85
N VAL B 191 -1.53 18.19 -19.92
CA VAL B 191 -1.53 19.65 -19.90
C VAL B 191 -2.14 20.16 -21.20
N PRO B 192 -2.51 21.44 -21.26
CA PRO B 192 -2.98 22.00 -22.54
C PRO B 192 -1.90 21.89 -23.61
N SER B 193 -2.30 21.45 -24.81
CA SER B 193 -1.35 21.41 -25.92
C SER B 193 -0.71 22.77 -26.17
N SER B 194 -1.48 23.84 -25.97
CA SER B 194 -1.01 25.18 -26.28
C SER B 194 0.06 25.67 -25.29
N SER B 195 0.19 25.00 -24.14
CA SER B 195 1.18 25.40 -23.16
C SER B 195 2.56 24.81 -23.44
N LEU B 196 2.66 23.86 -24.37
CA LEU B 196 3.96 23.24 -24.66
C LEU B 196 4.86 24.27 -25.32
N GLY B 197 6.04 24.49 -24.73
CA GLY B 197 6.97 25.49 -25.24
C GLY B 197 6.92 26.82 -24.51
N THR B 198 5.79 27.14 -23.88
CA THR B 198 5.69 28.36 -23.09
C THR B 198 5.79 28.10 -21.59
N GLN B 199 5.14 27.03 -21.11
CA GLN B 199 5.20 26.63 -19.71
C GLN B 199 6.30 25.59 -19.51
N THR B 200 7.19 25.85 -18.56
CA THR B 200 8.23 24.87 -18.21
C THR B 200 7.62 23.75 -17.38
N TYR B 201 8.01 22.51 -17.69
CA TYR B 201 7.55 21.33 -16.96
C TYR B 201 8.77 20.53 -16.50
N ILE B 202 8.91 20.38 -15.18
CA ILE B 202 10.05 19.71 -14.56
C ILE B 202 9.51 18.69 -13.58
N CYS B 203 10.00 17.47 -13.65
CA CYS B 203 9.69 16.45 -12.65
C CYS B 203 10.81 16.40 -11.62
N ASN B 204 10.43 16.54 -10.35
CA ASN B 204 11.39 16.55 -9.25
C ASN B 204 11.38 15.15 -8.65
N VAL B 205 12.45 14.41 -8.88
CA VAL B 205 12.59 13.04 -8.42
C VAL B 205 13.53 13.03 -7.23
N ASN B 206 13.13 12.33 -6.17
CA ASN B 206 13.99 12.19 -5.00
C ASN B 206 14.02 10.72 -4.59
N HIS B 207 15.22 10.15 -4.51
CA HIS B 207 15.46 8.80 -4.01
C HIS B 207 16.39 8.93 -2.83
N LYS B 208 15.82 9.18 -1.65
CA LYS B 208 16.64 9.42 -0.47
C LYS B 208 17.57 8.26 -0.11
N PRO B 209 17.20 6.98 -0.28
CA PRO B 209 18.15 5.92 0.06
C PRO B 209 19.50 6.02 -0.65
N SER B 210 19.55 6.62 -1.84
CA SER B 210 20.82 6.83 -2.55
C SER B 210 21.25 8.30 -2.55
N ASN B 211 20.53 9.18 -1.84
CA ASN B 211 20.77 10.62 -1.89
C ASN B 211 20.74 11.15 -3.32
N THR B 212 19.84 10.59 -4.12
CA THR B 212 19.67 10.99 -5.51
C THR B 212 18.52 12.00 -5.60
N LYS B 213 18.83 13.22 -6.04
CA LYS B 213 17.83 14.23 -6.34
C LYS B 213 18.05 14.70 -7.79
N VAL B 214 17.03 14.52 -8.62
CA VAL B 214 17.08 14.89 -10.04
C VAL B 214 15.89 15.78 -10.35
N ASP B 215 16.16 16.93 -10.96
CA ASP B 215 15.12 17.80 -11.52
C ASP B 215 15.27 17.75 -13.03
N LYS B 216 14.33 17.09 -13.71
CA LYS B 216 14.44 16.86 -15.15
C LYS B 216 13.41 17.69 -15.91
N LYS B 217 13.90 18.60 -16.75
CA LYS B 217 13.04 19.36 -17.64
C LYS B 217 12.60 18.47 -18.80
N VAL B 218 11.30 18.46 -19.08
CA VAL B 218 10.71 17.63 -20.12
C VAL B 218 10.17 18.55 -21.20
N GLU B 219 10.66 18.43 -22.42
CA GLU B 219 10.19 19.28 -23.50
C GLU B 219 9.96 18.46 -24.78
N PRO B 220 9.21 19.00 -25.73
CA PRO B 220 9.06 18.31 -27.02
C PRO B 220 10.42 18.09 -27.66
N LYS B 221 10.54 17.04 -28.48
CA LYS B 221 11.81 16.75 -29.11
C LYS B 221 12.07 17.74 -30.26
N SER B 222 13.26 17.61 -30.87
CA SER B 222 13.75 18.64 -31.78
C SER B 222 13.18 18.52 -33.19
N CYS B 223 13.54 17.43 -33.89
CA CYS B 223 13.43 17.27 -35.36
C CYS B 223 14.51 18.10 -36.07
N SER C 2 -7.73 -25.05 -2.55
CA SER C 2 -7.16 -23.91 -3.27
C SER C 2 -8.04 -22.69 -3.10
N GLU C 3 -7.47 -21.52 -3.40
CA GLU C 3 -8.14 -20.24 -3.22
C GLU C 3 -9.03 -19.94 -4.41
N VAL C 4 -10.28 -19.58 -4.16
CA VAL C 4 -11.17 -19.15 -5.24
C VAL C 4 -11.78 -17.80 -4.87
N THR C 5 -12.35 -17.16 -5.89
CA THR C 5 -13.09 -15.92 -5.74
C THR C 5 -14.52 -16.18 -6.18
N ILE C 6 -15.45 -16.07 -5.25
CA ILE C 6 -16.87 -16.09 -5.59
C ILE C 6 -17.29 -14.64 -5.83
N LYS C 7 -17.76 -14.35 -7.05
CA LYS C 7 -18.23 -13.03 -7.42
C LYS C 7 -19.74 -12.98 -7.24
N VAL C 8 -20.23 -11.89 -6.65
CA VAL C 8 -21.64 -11.80 -6.27
C VAL C 8 -22.20 -10.50 -6.83
N ASN C 9 -23.36 -10.59 -7.47
CA ASN C 9 -24.18 -9.42 -7.80
C ASN C 9 -25.22 -9.24 -6.72
N LEU C 10 -25.24 -8.07 -6.10
CA LEU C 10 -26.20 -7.76 -5.05
C LEU C 10 -27.25 -6.85 -5.64
N ILE C 11 -28.47 -7.35 -5.80
CA ILE C 11 -29.52 -6.71 -6.59
C ILE C 11 -30.62 -6.31 -5.63
N PHE C 12 -30.77 -5.01 -5.41
CA PHE C 12 -31.68 -4.53 -4.39
C PHE C 12 -33.05 -4.25 -5.00
N ALA C 13 -34.06 -4.10 -4.12
CA ALA C 13 -35.44 -4.03 -4.58
C ALA C 13 -35.67 -2.81 -5.49
N ASP C 14 -34.91 -1.74 -5.30
CA ASP C 14 -35.08 -0.52 -6.08
C ASP C 14 -34.29 -0.53 -7.38
N GLY C 15 -33.69 -1.66 -7.75
CA GLY C 15 -32.91 -1.74 -8.96
C GLY C 15 -31.44 -1.38 -8.82
N LYS C 16 -31.02 -0.89 -7.65
CA LYS C 16 -29.61 -0.62 -7.44
C LYS C 16 -28.81 -1.92 -7.41
N ILE C 17 -27.60 -1.89 -7.97
CA ILE C 17 -26.76 -3.07 -8.09
C ILE C 17 -25.41 -2.79 -7.47
N GLN C 18 -24.98 -3.66 -6.56
CA GLN C 18 -23.61 -3.64 -6.05
C GLN C 18 -22.96 -4.97 -6.41
N THR C 19 -21.63 -4.97 -6.40
CA THR C 19 -20.91 -6.21 -6.65
C THR C 19 -19.91 -6.44 -5.52
N ALA C 20 -19.62 -7.70 -5.27
CA ALA C 20 -18.79 -8.08 -4.14
C ALA C 20 -17.99 -9.31 -4.53
N GLU C 21 -16.88 -9.51 -3.83
CA GLU C 21 -16.10 -10.74 -3.96
C GLU C 21 -15.82 -11.30 -2.59
N PHE C 22 -15.83 -12.63 -2.51
CA PHE C 22 -15.50 -13.39 -1.31
C PHE C 22 -14.42 -14.37 -1.70
N LYS C 23 -13.33 -14.41 -0.95
CA LYS C 23 -12.19 -15.26 -1.29
C LYS C 23 -11.90 -16.22 -0.15
N GLY C 24 -11.32 -17.37 -0.51
CA GLY C 24 -11.04 -18.44 0.42
C GLY C 24 -11.12 -19.76 -0.32
N THR C 25 -11.24 -20.85 0.44
CA THR C 25 -11.62 -22.08 -0.23
C THR C 25 -13.06 -21.94 -0.73
N PHE C 26 -13.43 -22.81 -1.66
CA PHE C 26 -14.79 -22.72 -2.20
C PHE C 26 -15.83 -22.81 -1.08
N GLU C 27 -15.59 -23.67 -0.08
CA GLU C 27 -16.55 -23.83 1.01
C GLU C 27 -16.56 -22.62 1.92
N GLU C 28 -15.38 -22.08 2.26
CA GLU C 28 -15.33 -20.87 3.07
C GLU C 28 -16.00 -19.69 2.37
N ALA C 29 -15.64 -19.46 1.11
CA ALA C 29 -16.17 -18.32 0.38
C ALA C 29 -17.68 -18.42 0.21
N THR C 30 -18.18 -19.64 -0.06
CA THR C 30 -19.61 -19.89 -0.13
C THR C 30 -20.30 -19.50 1.17
N ALA C 31 -19.81 -20.03 2.28
CA ALA C 31 -20.41 -19.74 3.58
C ALA C 31 -20.38 -18.25 3.87
N GLU C 32 -19.28 -17.56 3.54
CA GLU C 32 -19.22 -16.13 3.82
C GLU C 32 -20.22 -15.37 2.95
N ALA C 33 -20.41 -15.81 1.70
CA ALA C 33 -21.36 -15.13 0.83
C ALA C 33 -22.78 -15.26 1.36
N TYR C 34 -23.20 -16.47 1.72
CA TYR C 34 -24.54 -16.67 2.28
C TYR C 34 -24.71 -15.93 3.60
N ARG C 35 -23.66 -15.89 4.42
CA ARG C 35 -23.75 -15.15 5.68
C ARG C 35 -23.95 -13.66 5.43
N TYR C 36 -23.23 -13.10 4.45
CA TYR C 36 -23.36 -11.69 4.11
C TYR C 36 -24.74 -11.39 3.54
N ALA C 37 -25.25 -12.27 2.69
CA ALA C 37 -26.60 -12.12 2.16
C ALA C 37 -27.64 -12.08 3.27
N ALA C 38 -27.52 -13.00 4.24
CA ALA C 38 -28.46 -13.04 5.36
C ALA C 38 -28.40 -11.74 6.15
N LEU C 39 -27.19 -11.20 6.34
CA LEU C 39 -27.04 -9.95 7.06
C LEU C 39 -27.73 -8.80 6.33
N LEU C 40 -27.47 -8.66 5.03
CA LEU C 40 -28.12 -7.60 4.25
C LEU C 40 -29.63 -7.81 4.20
N ALA C 41 -30.09 -9.06 4.32
CA ALA C 41 -31.53 -9.32 4.27
C ALA C 41 -32.26 -8.63 5.42
N LYS C 42 -31.60 -8.44 6.56
CA LYS C 42 -32.24 -7.79 7.70
C LYS C 42 -32.74 -6.39 7.33
N VAL C 43 -31.95 -5.65 6.56
CA VAL C 43 -32.30 -4.28 6.20
C VAL C 43 -33.03 -4.21 4.87
N ASN C 44 -32.68 -5.09 3.93
CA ASN C 44 -33.10 -4.95 2.54
C ASN C 44 -34.16 -5.97 2.12
N GLY C 45 -34.64 -6.79 3.05
CA GLY C 45 -35.67 -7.77 2.75
C GLY C 45 -35.10 -9.15 2.46
N GLU C 46 -36.01 -10.11 2.45
CA GLU C 46 -35.67 -11.51 2.16
C GLU C 46 -34.84 -11.62 0.87
N TYR C 47 -33.78 -12.45 0.93
CA TYR C 47 -32.92 -12.63 -0.23
C TYR C 47 -33.20 -13.97 -0.90
N THR C 48 -32.87 -14.04 -2.18
CA THR C 48 -32.80 -15.30 -2.92
C THR C 48 -31.51 -15.29 -3.70
N ALA C 49 -30.83 -16.43 -3.75
CA ALA C 49 -29.48 -16.51 -4.29
C ALA C 49 -29.48 -17.50 -5.45
N ASP C 50 -29.20 -17.01 -6.65
CA ASP C 50 -29.11 -17.83 -7.85
C ASP C 50 -27.64 -18.13 -8.12
N LEU C 51 -27.29 -19.40 -8.13
CA LEU C 51 -25.92 -19.84 -8.34
C LEU C 51 -25.69 -20.06 -9.83
N GLU C 52 -24.59 -19.50 -10.34
CA GLU C 52 -24.15 -19.73 -11.70
C GLU C 52 -22.69 -20.18 -11.68
N ASP C 53 -22.26 -20.84 -12.74
CA ASP C 53 -20.88 -21.27 -12.91
C ASP C 53 -20.46 -22.22 -11.78
N GLY C 54 -21.26 -23.26 -11.57
CA GLY C 54 -20.96 -24.27 -10.57
C GLY C 54 -20.81 -23.74 -9.16
N GLY C 55 -21.40 -22.59 -8.86
CA GLY C 55 -21.31 -21.98 -7.56
C GLY C 55 -20.34 -20.82 -7.44
N ASN C 56 -19.53 -20.54 -8.46
CA ASN C 56 -18.49 -19.53 -8.35
C ASN C 56 -19.00 -18.11 -8.62
N HIS C 57 -20.25 -17.96 -9.03
CA HIS C 57 -20.87 -16.65 -9.18
C HIS C 57 -22.28 -16.75 -8.60
N MET C 58 -22.71 -15.67 -7.95
CA MET C 58 -24.03 -15.64 -7.34
C MET C 58 -24.73 -14.35 -7.68
N ASN C 59 -26.00 -14.46 -8.04
CA ASN C 59 -26.90 -13.31 -8.11
C ASN C 59 -27.81 -13.36 -6.90
N ILE C 60 -27.71 -12.36 -6.04
CA ILE C 60 -28.44 -12.31 -4.79
C ILE C 60 -29.38 -11.11 -4.84
N LYS C 61 -30.68 -11.39 -4.90
CA LYS C 61 -31.72 -10.37 -5.01
C LYS C 61 -32.43 -10.21 -3.67
N PHE C 62 -32.66 -8.96 -3.28
CA PHE C 62 -33.33 -8.64 -2.02
C PHE C 62 -34.74 -8.12 -2.30
N ALA C 63 -35.71 -8.62 -1.52
CA ALA C 63 -37.12 -8.37 -1.79
C ALA C 63 -37.57 -6.95 -1.44
N GLY C 64 -36.83 -6.26 -0.59
CA GLY C 64 -37.28 -4.97 -0.10
C GLY C 64 -37.93 -5.11 1.26
N GLY D 1 22.40 4.64 33.30
CA GLY D 1 21.74 4.04 34.46
C GLY D 1 22.49 2.85 35.02
N SER D 2 22.06 2.37 36.18
CA SER D 2 22.69 1.25 36.87
C SER D 2 21.96 -0.05 36.53
N TYR D 3 22.60 -1.17 36.89
CA TYR D 3 22.06 -2.49 36.58
C TYR D 3 22.28 -3.44 37.76
N ASN D 4 21.37 -4.41 37.88
CA ASN D 4 21.53 -5.47 38.87
C ASN D 4 22.47 -6.54 38.31
N LYS D 5 22.80 -7.54 39.14
CA LYS D 5 23.80 -8.51 38.74
C LYS D 5 23.34 -9.39 37.57
N ASP D 6 22.03 -9.67 37.48
CA ASP D 6 21.54 -10.42 36.33
C ASP D 6 21.70 -9.63 35.04
N GLN D 7 21.37 -8.33 35.08
CA GLN D 7 21.50 -7.51 33.89
C GLN D 7 22.96 -7.41 33.45
N GLN D 8 23.86 -7.19 34.42
CA GLN D 8 25.30 -7.17 34.12
C GLN D 8 25.74 -8.47 33.45
N SER D 9 25.20 -9.61 33.90
CA SER D 9 25.58 -10.89 33.33
C SER D 9 25.16 -11.00 31.86
N ALA D 10 23.96 -10.52 31.53
CA ALA D 10 23.50 -10.57 30.15
C ALA D 10 24.37 -9.70 29.24
N PHE D 11 24.71 -8.49 29.70
CA PHE D 11 25.66 -7.65 28.96
C PHE D 11 26.96 -8.41 28.68
N TYR D 12 27.50 -9.07 29.72
CA TYR D 12 28.78 -9.76 29.59
C TYR D 12 28.71 -10.89 28.56
N GLU D 13 27.63 -11.67 28.57
CA GLU D 13 27.48 -12.73 27.60
C GLU D 13 27.45 -12.20 26.17
N ILE D 14 26.68 -11.15 25.93
CA ILE D 14 26.59 -10.60 24.57
C ILE D 14 27.92 -9.97 24.16
N LEU D 15 28.56 -9.25 25.09
CA LEU D 15 29.86 -8.66 24.81
C LEU D 15 30.86 -9.71 24.32
N ASN D 16 30.82 -10.90 24.90
CA ASN D 16 31.82 -11.92 24.58
C ASN D 16 31.47 -12.82 23.39
N MET D 17 30.27 -12.71 22.82
CA MET D 17 29.89 -13.65 21.75
C MET D 17 30.81 -13.52 20.55
N PRO D 18 31.48 -14.58 20.12
CA PRO D 18 32.52 -14.44 19.08
C PRO D 18 32.02 -14.27 17.67
N ASN D 19 30.78 -14.65 17.35
CA ASN D 19 30.32 -14.67 15.96
C ASN D 19 29.40 -13.51 15.59
N LEU D 20 29.14 -12.59 16.51
CA LEU D 20 28.39 -11.38 16.16
C LEU D 20 29.33 -10.34 15.56
N ASN D 21 28.82 -9.59 14.57
CA ASN D 21 29.59 -8.42 14.19
C ASN D 21 29.25 -7.26 15.15
N GLU D 22 29.98 -6.16 15.02
CA GLU D 22 29.83 -5.11 16.03
C GLU D 22 28.49 -4.38 15.94
N ALA D 23 27.89 -4.32 14.75
CA ALA D 23 26.55 -3.72 14.66
C ALA D 23 25.54 -4.55 15.44
N GLN D 24 25.61 -5.87 15.27
CA GLN D 24 24.69 -6.77 15.97
C GLN D 24 24.95 -6.76 17.47
N ARG D 25 26.21 -6.87 17.86
CA ARG D 25 26.55 -6.85 19.29
C ARG D 25 25.99 -5.61 19.96
N ASN D 26 26.20 -4.44 19.37
CA ASN D 26 25.73 -3.22 20.03
C ASN D 26 24.22 -3.05 19.90
N GLY D 27 23.58 -3.60 18.86
CA GLY D 27 22.12 -3.56 18.79
C GLY D 27 21.48 -4.38 19.91
N PHE D 28 22.04 -5.55 20.21
CA PHE D 28 21.51 -6.36 21.30
C PHE D 28 21.78 -5.73 22.65
N ILE D 29 22.98 -5.17 22.84
CA ILE D 29 23.27 -4.44 24.07
C ILE D 29 22.29 -3.29 24.23
N GLN D 30 22.03 -2.55 23.15
CA GLN D 30 21.04 -1.47 23.22
C GLN D 30 19.68 -2.00 23.65
N SER D 31 19.30 -3.18 23.17
CA SER D 31 18.01 -3.75 23.56
C SER D 31 17.98 -4.08 25.06
N LEU D 32 19.10 -4.54 25.61
CA LEU D 32 19.16 -4.79 27.05
C LEU D 32 18.93 -3.51 27.83
N LYS D 33 19.52 -2.40 27.37
CA LYS D 33 19.28 -1.12 28.03
C LYS D 33 17.85 -0.66 27.83
N ASP D 34 17.31 -0.87 26.63
CA ASP D 34 15.97 -0.40 26.29
C ASP D 34 14.92 -0.97 27.23
N ASP D 35 14.94 -2.29 27.43
CA ASP D 35 13.85 -2.98 28.12
C ASP D 35 14.41 -4.10 28.97
N PRO D 36 14.78 -3.82 30.21
CA PRO D 36 15.29 -4.87 31.10
C PRO D 36 14.35 -6.04 31.28
N SER D 37 13.02 -5.84 31.24
CA SER D 37 12.09 -6.96 31.37
C SER D 37 12.28 -8.01 30.27
N GLN D 38 12.99 -7.67 29.19
CA GLN D 38 13.18 -8.57 28.07
C GLN D 38 14.57 -9.22 28.06
N SER D 39 15.34 -9.05 29.15
CA SER D 39 16.73 -9.46 29.17
C SER D 39 16.90 -10.92 28.77
N THR D 40 16.07 -11.82 29.33
CA THR D 40 16.17 -13.23 29.02
C THR D 40 15.86 -13.50 27.55
N ASN D 41 14.81 -12.87 27.02
CA ASN D 41 14.46 -13.05 25.60
C ASN D 41 15.54 -12.49 24.70
N VAL D 42 16.04 -11.30 25.01
CA VAL D 42 17.10 -10.69 24.20
C VAL D 42 18.35 -11.54 24.18
N LEU D 43 18.74 -12.07 25.35
CA LEU D 43 19.91 -12.94 25.43
C LEU D 43 19.70 -14.18 24.57
N GLY D 44 18.50 -14.76 24.62
CA GLY D 44 18.23 -15.96 23.83
C GLY D 44 18.32 -15.73 22.34
N GLU D 45 17.81 -14.60 21.86
CA GLU D 45 17.91 -14.31 20.43
C GLU D 45 19.35 -14.00 20.03
N ALA D 46 20.11 -13.30 20.89
CA ALA D 46 21.53 -13.08 20.61
C ALA D 46 22.26 -14.41 20.49
N LYS D 47 22.02 -15.32 21.43
CA LYS D 47 22.65 -16.64 21.35
C LYS D 47 22.30 -17.33 20.04
N LYS D 48 21.04 -17.26 19.61
CA LYS D 48 20.64 -17.95 18.39
C LYS D 48 21.36 -17.36 17.18
N LEU D 49 21.48 -16.04 17.13
CA LEU D 49 22.15 -15.42 16.00
C LEU D 49 23.64 -15.74 16.02
N ASN D 50 24.25 -15.69 17.21
CA ASN D 50 25.66 -16.05 17.34
C ASN D 50 25.90 -17.48 16.86
N GLU D 51 25.05 -18.42 17.27
CA GLU D 51 25.21 -19.81 16.84
C GLU D 51 25.06 -19.95 15.33
N SER D 52 24.12 -19.22 14.73
CA SER D 52 23.90 -19.38 13.29
C SER D 52 25.02 -18.77 12.45
N GLN D 53 25.84 -17.90 13.04
CA GLN D 53 26.97 -17.29 12.33
C GLN D 53 28.30 -17.95 12.68
N ALA D 54 28.28 -19.10 13.34
CA ALA D 54 29.51 -19.84 13.64
C ALA D 54 30.22 -20.27 12.35
N SER E 2 -6.37 -11.23 -1.41
CA SER E 2 -5.89 -9.90 -1.79
C SER E 2 -4.86 -9.51 -0.74
N GLN E 3 -3.73 -8.95 -1.16
CA GLN E 3 -2.69 -8.61 -0.19
C GLN E 3 -2.19 -7.19 -0.38
N PHE E 4 -1.67 -6.65 0.71
CA PHE E 4 -1.23 -5.27 0.78
C PHE E 4 -0.04 -5.00 -0.14
N ASP E 5 0.03 -3.78 -0.67
CA ASP E 5 1.08 -3.37 -1.61
C ASP E 5 1.71 -2.05 -1.18
N CYS E 7 3.68 0.45 -2.57
CA CYS E 7 3.67 1.69 -3.36
CA CYS E 7 3.65 1.71 -3.34
C CYS E 7 2.28 2.35 -3.43
N THR E 8 1.21 1.56 -3.29
CA THR E 8 -0.13 2.14 -3.20
C THR E 8 -0.63 2.25 -1.77
N ARG E 9 -0.06 1.47 -0.85
CA ARG E 9 -0.65 1.27 0.47
C ARG E 9 -2.11 0.86 0.35
N ARG E 10 -2.38 -0.01 -0.62
CA ARG E 10 -3.72 -0.51 -0.89
C ARG E 10 -3.68 -2.01 -1.10
N LEU E 11 -4.79 -2.67 -0.72
CA LEU E 11 -4.94 -4.09 -1.00
C LEU E 11 -4.95 -4.35 -2.50
N GLN E 12 -4.27 -5.41 -2.93
CA GLN E 12 -4.17 -5.73 -4.34
C GLN E 12 -4.49 -7.19 -4.56
N SER E 13 -5.35 -7.44 -5.54
CA SER E 13 -5.76 -8.82 -5.91
C SER E 13 -4.66 -9.66 -6.57
#